data_6TJB
#
_entry.id   6TJB
#
_cell.length_a   68.888
_cell.length_b   69.188
_cell.length_c   82.871
_cell.angle_alpha   90.000
_cell.angle_beta   90.000
_cell.angle_gamma   90.000
#
_symmetry.space_group_name_H-M   'P 21 21 21'
#
loop_
_entity.id
_entity.type
_entity.pdbx_description
1 polymer Cake2
2 non-polymer GLYCEROL
3 water water
#
_entity_poly.entity_id   1
_entity_poly.type   'polypeptide(L)'
_entity_poly.pdbx_seq_one_letter_code
;GSHMDGTEKWRFKTGKAIEASPVIGEDGTIYVGSNDGHLYAINPDGTEKWRFKTGKAIEASPVIGEDGTIYVGSNDGHLY
AINP
;
_entity_poly.pdbx_strand_id   A,B,C,D,E
#
loop_
_chem_comp.id
_chem_comp.type
_chem_comp.name
_chem_comp.formula
GOL non-polymer GLYCEROL 'C3 H8 O3'
#
# COMPACT_ATOMS: atom_id res chain seq x y z
N ASP A 5 -7.90 24.41 -4.63
CA ASP A 5 -8.88 24.85 -5.63
C ASP A 5 -8.77 24.06 -6.93
N GLY A 6 -7.95 23.00 -6.91
CA GLY A 6 -7.76 22.18 -8.09
C GLY A 6 -6.66 22.63 -9.04
N THR A 7 -6.00 23.74 -8.77
CA THR A 7 -4.95 24.20 -9.65
C THR A 7 -3.61 23.55 -9.34
N GLU A 8 -2.70 23.63 -10.30
CA GLU A 8 -1.36 23.10 -10.13
C GLU A 8 -0.51 24.05 -9.30
N LYS A 9 0.16 23.52 -8.30
CA LYS A 9 1.09 24.33 -7.52
C LYS A 9 2.48 24.28 -8.15
N TRP A 10 2.93 23.07 -8.48
CA TRP A 10 4.22 22.83 -9.15
C TRP A 10 4.22 21.39 -9.65
N ARG A 11 5.21 21.07 -10.48
CA ARG A 11 5.46 19.72 -10.93
C ARG A 11 6.96 19.43 -10.87
N PHE A 12 7.29 18.19 -10.56
CA PHE A 12 8.69 17.76 -10.50
C PHE A 12 8.89 16.55 -11.40
N LYS A 13 9.73 16.70 -12.42
CA LYS A 13 9.95 15.69 -13.42
C LYS A 13 11.03 14.68 -13.03
N THR A 14 10.73 13.40 -13.21
CA THR A 14 11.73 12.34 -13.07
C THR A 14 11.87 11.69 -14.44
N GLY A 15 12.84 10.78 -14.59
CA GLY A 15 13.06 10.21 -15.90
C GLY A 15 12.14 9.09 -16.32
N LYS A 16 11.41 8.49 -15.38
CA LYS A 16 10.53 7.36 -15.69
C LYS A 16 9.31 7.41 -14.78
N ALA A 17 8.40 6.46 -15.01
CA ALA A 17 7.15 6.38 -14.26
C ALA A 17 7.40 6.33 -12.76
N ILE A 18 6.49 6.95 -12.01
CA ILE A 18 6.47 6.90 -10.56
C ILE A 18 5.36 5.93 -10.16
N GLU A 19 5.74 4.74 -9.67
CA GLU A 19 4.79 3.68 -9.41
C GLU A 19 4.33 3.61 -7.97
N ALA A 20 4.97 4.32 -7.05
CA ALA A 20 4.63 4.25 -5.64
C ALA A 20 4.32 5.63 -5.10
N SER A 21 3.43 5.68 -4.11
CA SER A 21 3.04 6.93 -3.48
C SER A 21 4.24 7.60 -2.79
N PRO A 22 4.29 8.92 -2.80
CA PRO A 22 5.31 9.65 -2.05
C PRO A 22 5.02 9.62 -0.55
N VAL A 23 6.04 9.99 0.23
CA VAL A 23 5.88 10.19 1.66
C VAL A 23 6.45 11.57 1.99
N ILE A 24 5.97 12.13 3.11
CA ILE A 24 6.34 13.47 3.53
C ILE A 24 7.06 13.43 4.87
N GLY A 25 8.20 14.13 4.95
CA GLY A 25 8.97 14.17 6.17
C GLY A 25 8.41 15.17 7.17
N GLU A 26 8.98 15.14 8.38
CA GLU A 26 8.50 16.01 9.45
C GLU A 26 8.62 17.49 9.09
N ASP A 27 9.67 17.87 8.37
CA ASP A 27 9.87 19.26 8.00
C ASP A 27 9.15 19.64 6.70
N GLY A 28 8.32 18.75 6.16
CA GLY A 28 7.62 19.02 4.92
C GLY A 28 8.29 18.49 3.67
N THR A 29 9.53 18.01 3.77
CA THR A 29 10.21 17.45 2.61
C THR A 29 9.40 16.28 2.05
N ILE A 30 9.27 16.26 0.73
CA ILE A 30 8.52 15.23 0.03
C ILE A 30 9.50 14.24 -0.59
N TYR A 31 9.37 12.96 -0.24
CA TYR A 31 10.28 11.95 -0.76
C TYR A 31 9.49 11.09 -1.74
N VAL A 32 10.09 10.78 -2.89
CA VAL A 32 9.42 9.91 -3.86
C VAL A 32 10.46 9.10 -4.63
N GLY A 33 10.17 7.82 -4.83
CA GLY A 33 11.00 6.97 -5.67
C GLY A 33 10.51 7.02 -7.10
N SER A 34 11.44 6.80 -8.03
CA SER A 34 11.09 6.75 -9.45
C SER A 34 11.62 5.48 -10.10
N ASN A 35 10.99 5.09 -11.21
CA ASN A 35 11.52 3.99 -11.99
C ASN A 35 12.86 4.33 -12.62
N ASP A 36 13.28 5.60 -12.58
CA ASP A 36 14.59 5.97 -13.09
C ASP A 36 15.69 5.62 -12.09
N GLY A 37 15.33 5.00 -10.96
CA GLY A 37 16.27 4.51 -9.99
C GLY A 37 16.63 5.47 -8.87
N HIS A 38 16.16 6.70 -8.90
CA HIS A 38 16.49 7.65 -7.85
C HIS A 38 15.41 7.76 -6.78
N LEU A 39 15.85 8.08 -5.58
CA LEU A 39 14.99 8.58 -4.51
C LEU A 39 15.13 10.09 -4.54
N TYR A 40 14.03 10.82 -4.68
CA TYR A 40 14.11 12.26 -4.71
C TYR A 40 13.61 12.84 -3.39
N ALA A 41 14.26 13.91 -2.94
CA ALA A 41 13.82 14.72 -1.81
C ALA A 41 13.45 16.08 -2.39
N ILE A 42 12.18 16.44 -2.26
CA ILE A 42 11.65 17.65 -2.91
C ILE A 42 11.18 18.63 -1.85
N ASN A 43 11.53 19.90 -2.03
CA ASN A 43 11.08 20.95 -1.13
C ASN A 43 9.60 21.24 -1.42
N PRO A 44 8.78 21.46 -0.37
CA PRO A 44 7.35 21.69 -0.61
C PRO A 44 7.04 23.04 -1.24
N ASP B 5 7.33 26.04 -3.31
CA ASP B 5 8.65 26.07 -3.90
C ASP B 5 8.77 24.98 -4.96
N GLY B 6 8.77 23.72 -4.54
CA GLY B 6 8.84 22.61 -5.47
C GLY B 6 10.20 22.28 -6.05
N THR B 7 11.29 22.83 -5.51
CA THR B 7 12.60 22.56 -6.07
C THR B 7 13.20 21.29 -5.46
N GLU B 8 14.27 20.81 -6.09
CA GLU B 8 14.98 19.61 -5.64
C GLU B 8 15.93 19.87 -4.49
N LYS B 9 15.78 19.08 -3.41
CA LYS B 9 16.71 19.19 -2.29
C LYS B 9 17.96 18.37 -2.58
N TRP B 10 17.76 17.13 -3.02
CA TRP B 10 18.81 16.20 -3.43
C TRP B 10 18.15 15.01 -4.12
N ARG B 11 18.98 14.18 -4.73
CA ARG B 11 18.56 12.91 -5.28
C ARG B 11 19.60 11.85 -4.94
N PHE B 12 19.14 10.61 -4.75
CA PHE B 12 20.04 9.49 -4.47
C PHE B 12 19.79 8.40 -5.49
N LYS B 13 20.82 8.09 -6.28
CA LYS B 13 20.69 7.12 -7.37
C LYS B 13 20.96 5.71 -6.90
N THR B 14 20.03 4.80 -7.18
CA THR B 14 20.19 3.38 -6.94
C THR B 14 20.39 2.74 -8.31
N GLY B 15 20.70 1.45 -8.33
CA GLY B 15 21.01 0.85 -9.62
C GLY B 15 19.81 0.56 -10.50
N LYS B 16 18.61 0.48 -9.95
CA LYS B 16 17.42 0.11 -10.72
C LYS B 16 16.19 0.80 -10.16
N ALA B 17 15.07 0.62 -10.86
CA ALA B 17 13.79 1.21 -10.51
C ALA B 17 13.40 0.95 -9.06
N ILE B 18 12.79 1.97 -8.44
CA ILE B 18 12.21 1.85 -7.11
C ILE B 18 10.70 1.71 -7.29
N GLU B 19 10.14 0.60 -6.80
CA GLU B 19 8.73 0.29 -6.99
C GLU B 19 7.86 0.45 -5.75
N ALA B 20 8.42 0.83 -4.61
CA ALA B 20 7.65 0.90 -3.38
C ALA B 20 7.99 2.17 -2.62
N SER B 21 7.04 2.64 -1.82
CA SER B 21 7.22 3.89 -1.10
C SER B 21 8.40 3.79 -0.12
N PRO B 22 9.11 4.89 0.09
CA PRO B 22 10.12 4.93 1.15
C PRO B 22 9.45 5.01 2.52
N VAL B 23 10.21 4.63 3.53
CA VAL B 23 9.75 4.67 4.93
C VAL B 23 10.74 5.51 5.73
N ILE B 24 10.22 6.40 6.58
CA ILE B 24 11.03 7.33 7.35
C ILE B 24 11.09 6.87 8.81
N GLY B 25 12.32 6.78 9.35
CA GLY B 25 12.48 6.37 10.73
C GLY B 25 12.28 7.53 11.68
N GLU B 26 12.30 7.21 12.99
CA GLU B 26 12.06 8.24 14.00
C GLU B 26 13.09 9.36 13.95
N ASP B 27 14.35 9.04 13.64
CA ASP B 27 15.42 10.02 13.59
C ASP B 27 15.55 10.72 12.23
N GLY B 28 14.59 10.49 11.32
CA GLY B 28 14.62 11.11 10.02
C GLY B 28 15.24 10.28 8.91
N THR B 29 15.89 9.17 9.24
CA THR B 29 16.48 8.31 8.22
C THR B 29 15.41 7.86 7.25
N ILE B 30 15.70 7.94 5.95
CA ILE B 30 14.75 7.53 4.92
C ILE B 30 15.21 6.18 4.40
N TYR B 31 14.34 5.18 4.49
CA TYR B 31 14.66 3.83 4.04
C TYR B 31 13.93 3.60 2.74
N VAL B 32 14.62 3.01 1.76
CA VAL B 32 13.96 2.73 0.50
C VAL B 32 14.56 1.49 -0.12
N GLY B 33 13.71 0.62 -0.65
CA GLY B 33 14.17 -0.56 -1.34
C GLY B 33 14.25 -0.28 -2.83
N SER B 34 15.23 -0.89 -3.48
CA SER B 34 15.39 -0.77 -4.93
C SER B 34 15.30 -2.13 -5.61
N ASN B 35 15.01 -2.08 -6.91
CA ASN B 35 15.08 -3.32 -7.68
C ASN B 35 16.51 -3.81 -7.84
N ASP B 36 17.51 -3.04 -7.40
CA ASP B 36 18.88 -3.52 -7.47
C ASP B 36 19.19 -4.48 -6.33
N GLY B 37 18.18 -4.76 -5.49
CA GLY B 37 18.28 -5.69 -4.40
C GLY B 37 18.70 -5.12 -3.07
N HIS B 38 19.08 -3.85 -3.01
CA HIS B 38 19.51 -3.25 -1.76
C HIS B 38 18.38 -2.48 -1.08
N LEU B 39 18.43 -2.48 0.25
CA LEU B 39 17.65 -1.56 1.07
C LEU B 39 18.61 -0.44 1.43
N TYR B 40 18.28 0.80 1.10
CA TYR B 40 19.16 1.90 1.42
C TYR B 40 18.63 2.67 2.62
N ALA B 41 19.55 3.11 3.48
CA ALA B 41 19.24 4.01 4.57
C ALA B 41 19.93 5.33 4.25
N ILE B 42 19.13 6.35 3.96
CA ILE B 42 19.64 7.65 3.51
C ILE B 42 19.41 8.68 4.60
N ASN B 43 20.45 9.46 4.89
CA ASN B 43 20.34 10.51 5.89
C ASN B 43 19.48 11.64 5.34
N PRO B 44 18.87 12.43 6.22
CA PRO B 44 18.09 13.60 5.77
C PRO B 44 18.83 14.54 4.81
N ASP B 45 20.16 14.61 4.87
CA ASP B 45 20.93 15.47 3.99
C ASP B 45 21.29 14.82 2.66
N GLY B 46 20.80 13.61 2.39
CA GLY B 46 21.05 12.96 1.13
C GLY B 46 22.25 12.04 1.10
N THR B 47 23.08 12.03 2.14
CA THR B 47 24.20 11.11 2.12
C THR B 47 23.70 9.71 2.51
N GLU B 48 24.47 8.71 2.11
CA GLU B 48 24.14 7.33 2.44
C GLU B 48 24.56 6.96 3.85
N LYS B 49 23.60 6.46 4.64
CA LYS B 49 23.95 5.99 5.98
C LYS B 49 24.53 4.59 5.89
N TRP B 50 23.81 3.71 5.20
CA TRP B 50 24.25 2.34 4.92
C TRP B 50 23.36 1.78 3.82
N ARG B 51 23.81 0.67 3.24
CA ARG B 51 23.02 -0.12 2.30
C ARG B 51 23.10 -1.59 2.72
N PHE B 52 22.01 -2.30 2.51
CA PHE B 52 21.93 -3.72 2.85
C PHE B 52 21.53 -4.50 1.62
N LYS B 53 22.40 -5.40 1.19
CA LYS B 53 22.17 -6.18 -0.03
C LYS B 53 21.37 -7.45 0.23
N THR B 54 20.33 -7.65 -0.57
CA THR B 54 19.60 -8.90 -0.65
C THR B 54 19.87 -9.46 -2.04
N GLY B 55 19.46 -10.70 -2.28
CA GLY B 55 19.83 -11.25 -3.58
C GLY B 55 18.96 -10.82 -4.76
N LYS B 56 17.80 -10.23 -4.51
CA LYS B 56 16.88 -9.87 -5.60
C LYS B 56 16.13 -8.60 -5.23
N ALA B 57 15.38 -8.10 -6.20
CA ALA B 57 14.62 -6.84 -6.06
C ALA B 57 13.75 -6.83 -4.81
N ILE B 58 13.66 -5.67 -4.19
CA ILE B 58 12.76 -5.41 -3.08
C ILE B 58 11.56 -4.66 -3.65
N GLU B 59 10.40 -5.32 -3.68
CA GLU B 59 9.19 -4.79 -4.28
C GLU B 59 8.21 -4.16 -3.29
N ALA B 60 8.52 -4.17 -2.00
CA ALA B 60 7.58 -3.65 -1.01
C ALA B 60 8.31 -2.84 0.05
N SER B 61 7.59 -1.87 0.59
CA SER B 61 8.15 -0.99 1.61
C SER B 61 8.55 -1.77 2.85
N PRO B 62 9.64 -1.39 3.52
CA PRO B 62 10.00 -1.99 4.80
C PRO B 62 9.08 -1.46 5.91
N VAL B 63 9.09 -2.16 7.06
CA VAL B 63 8.40 -1.67 8.24
C VAL B 63 9.40 -1.66 9.39
N ILE B 64 9.13 -0.80 10.38
CA ILE B 64 10.01 -0.60 11.52
C ILE B 64 9.33 -1.00 12.82
N GLY B 65 10.02 -1.81 13.63
CA GLY B 65 9.49 -2.27 14.90
C GLY B 65 9.71 -1.23 15.99
N GLU B 66 9.24 -1.56 17.21
CA GLU B 66 9.37 -0.62 18.32
C GLU B 66 10.82 -0.29 18.67
N ASP B 67 11.74 -1.24 18.53
CA ASP B 67 13.13 -1.00 18.88
C ASP B 67 13.96 -0.47 17.73
N GLY B 68 13.32 -0.09 16.63
CA GLY B 68 14.02 0.44 15.49
C GLY B 68 14.40 -0.58 14.44
N THR B 69 14.23 -1.87 14.72
CA THR B 69 14.57 -2.89 13.74
C THR B 69 13.80 -2.64 12.46
N ILE B 70 14.48 -2.74 11.32
CA ILE B 70 13.84 -2.56 10.03
C ILE B 70 13.61 -3.94 9.42
N TYR B 71 12.36 -4.24 9.11
CA TYR B 71 12.02 -5.52 8.50
C TYR B 71 11.69 -5.27 7.04
N VAL B 72 12.23 -6.11 6.15
CA VAL B 72 11.96 -5.94 4.73
C VAL B 72 11.94 -7.30 4.05
N GLY B 73 10.98 -7.48 3.15
CA GLY B 73 10.91 -8.69 2.35
C GLY B 73 11.65 -8.49 1.03
N SER B 74 12.22 -9.57 0.52
CA SER B 74 12.93 -9.55 -0.74
C SER B 74 12.36 -10.58 -1.72
N ASN B 75 12.60 -10.33 -3.03
CA ASN B 75 12.24 -11.34 -4.02
C ASN B 75 13.10 -12.58 -3.90
N ASP B 76 14.17 -12.54 -3.10
CA ASP B 76 14.98 -13.72 -2.89
C ASP B 76 14.34 -14.67 -1.89
N GLY B 77 13.12 -14.35 -1.42
CA GLY B 77 12.37 -15.21 -0.56
C GLY B 77 12.60 -15.01 0.92
N HIS B 78 13.53 -14.16 1.31
CA HIS B 78 13.81 -13.94 2.72
C HIS B 78 13.09 -12.73 3.30
N LEU B 79 12.80 -12.84 4.60
CA LEU B 79 12.43 -11.71 5.44
C LEU B 79 13.68 -11.33 6.19
N TYR B 80 14.08 -10.07 6.10
CA TYR B 80 15.28 -9.62 6.79
C TYR B 80 14.93 -8.72 7.96
N ALA B 81 15.70 -8.84 9.03
CA ALA B 81 15.66 -7.95 10.17
C ALA B 81 17.00 -7.24 10.21
N ILE B 82 16.98 -5.91 10.11
CA ILE B 82 18.20 -5.13 10.00
C ILE B 82 18.34 -4.19 11.18
N ASN B 83 19.52 -4.14 11.76
CA ASN B 83 19.78 -3.24 12.87
C ASN B 83 19.87 -1.83 12.31
N PRO B 84 19.21 -0.85 12.93
CA PRO B 84 19.25 0.51 12.36
C PRO B 84 20.60 1.18 12.63
N ASP C 5 23.41 0.25 12.81
CA ASP C 5 24.61 0.31 12.00
C ASP C 5 24.46 -0.44 10.67
N GLY C 6 23.24 -0.86 10.36
CA GLY C 6 23.00 -1.51 9.09
C GLY C 6 23.35 -2.97 9.02
N THR C 7 23.74 -3.60 10.13
CA THR C 7 24.08 -5.01 10.10
C THR C 7 22.83 -5.89 10.17
N GLU C 8 22.98 -7.11 9.69
CA GLU C 8 21.90 -8.09 9.72
C GLU C 8 21.62 -8.62 11.12
N LYS C 9 20.35 -8.52 11.55
CA LYS C 9 19.97 -9.08 12.85
C LYS C 9 19.68 -10.57 12.71
N TRP C 10 18.92 -10.93 11.67
CA TRP C 10 18.61 -12.31 11.27
C TRP C 10 17.94 -12.24 9.91
N ARG C 11 17.80 -13.42 9.29
CA ARG C 11 17.02 -13.58 8.07
C ARG C 11 16.20 -14.86 8.17
N PHE C 12 15.01 -14.84 7.58
CA PHE C 12 14.13 -16.01 7.58
C PHE C 12 13.74 -16.34 6.15
N LYS C 13 14.12 -17.53 5.69
CA LYS C 13 13.90 -17.92 4.30
C LYS C 13 12.54 -18.57 4.08
N THR C 14 11.78 -18.05 3.12
CA THR C 14 10.52 -18.64 2.69
C THR C 14 10.77 -19.28 1.33
N GLY C 15 9.79 -20.04 0.84
CA GLY C 15 9.99 -20.74 -0.41
C GLY C 15 10.15 -19.86 -1.64
N LYS C 16 9.43 -18.72 -1.67
CA LYS C 16 9.40 -17.87 -2.85
C LYS C 16 9.41 -16.40 -2.46
N ALA C 17 9.49 -15.55 -3.48
CA ALA C 17 9.53 -14.10 -3.33
C ALA C 17 8.42 -13.58 -2.42
N ILE C 18 8.77 -12.59 -1.60
CA ILE C 18 7.83 -11.87 -0.75
C ILE C 18 7.51 -10.54 -1.42
N GLU C 19 6.26 -10.38 -1.88
CA GLU C 19 5.85 -9.22 -2.67
C GLU C 19 5.12 -8.14 -1.87
N ALA C 20 4.92 -8.32 -0.57
CA ALA C 20 4.16 -7.34 0.20
C ALA C 20 4.82 -7.09 1.55
N SER C 21 4.58 -5.90 2.08
CA SER C 21 5.19 -5.49 3.33
C SER C 21 4.78 -6.41 4.48
N PRO C 22 5.70 -6.71 5.40
CA PRO C 22 5.33 -7.42 6.62
C PRO C 22 4.51 -6.52 7.54
N VAL C 23 3.76 -7.16 8.44
CA VAL C 23 2.92 -6.49 9.42
C VAL C 23 3.34 -6.98 10.81
N ILE C 24 3.42 -6.05 11.77
CA ILE C 24 3.88 -6.37 13.12
C ILE C 24 2.71 -6.33 14.09
N GLY C 25 2.58 -7.39 14.91
CA GLY C 25 1.51 -7.49 15.89
C GLY C 25 1.85 -6.80 17.20
N GLU C 26 0.87 -6.78 18.12
CA GLU C 26 1.13 -6.09 19.39
C GLU C 26 2.28 -6.68 20.18
N ASP C 27 2.48 -7.99 20.11
CA ASP C 27 3.55 -8.65 20.85
C ASP C 27 4.87 -8.67 20.10
N GLY C 28 4.96 -7.99 18.95
CA GLY C 28 6.18 -7.96 18.17
C GLY C 28 6.27 -9.01 17.09
N THR C 29 5.32 -9.95 17.03
CA THR C 29 5.33 -10.96 16.00
C THR C 29 5.26 -10.30 14.63
N ILE C 30 6.11 -10.75 13.71
CA ILE C 30 6.13 -10.19 12.36
C ILE C 30 5.43 -11.17 11.44
N TYR C 31 4.39 -10.71 10.77
CA TYR C 31 3.61 -11.55 9.87
C TYR C 31 4.02 -11.17 8.46
N VAL C 32 4.23 -12.16 7.60
CA VAL C 32 4.57 -11.86 6.22
C VAL C 32 4.07 -12.96 5.32
N GLY C 33 3.46 -12.57 4.20
CA GLY C 33 3.02 -13.53 3.20
C GLY C 33 4.13 -13.80 2.20
N SER C 34 4.11 -15.01 1.63
CA SER C 34 5.07 -15.43 0.63
C SER C 34 4.36 -15.91 -0.63
N ASN C 35 5.06 -15.85 -1.76
CA ASN C 35 4.52 -16.44 -2.97
C ASN C 35 4.46 -17.96 -2.87
N ASP C 36 5.06 -18.55 -1.84
CA ASP C 36 5.00 -19.98 -1.65
C ASP C 36 3.67 -20.42 -1.06
N GLY C 37 2.75 -19.46 -0.87
CA GLY C 37 1.41 -19.71 -0.40
C GLY C 37 1.21 -19.64 1.09
N HIS C 38 2.27 -19.50 1.89
CA HIS C 38 2.12 -19.46 3.33
C HIS C 38 2.16 -18.05 3.90
N LEU C 39 1.45 -17.88 5.01
CA LEU C 39 1.56 -16.70 5.86
C LEU C 39 2.46 -17.11 7.02
N TYR C 40 3.55 -16.39 7.24
CA TYR C 40 4.46 -16.75 8.31
C TYR C 40 4.28 -15.81 9.49
N ALA C 41 4.44 -16.36 10.69
CA ALA C 41 4.47 -15.60 11.93
C ALA C 41 5.85 -15.83 12.51
N ILE C 42 6.66 -14.77 12.53
CA ILE C 42 8.06 -14.85 12.95
C ILE C 42 8.23 -14.12 14.28
N ASN C 43 8.91 -14.76 15.22
CA ASN C 43 9.14 -14.15 16.51
C ASN C 43 10.18 -13.05 16.36
N PRO C 44 10.19 -12.07 17.28
CA PRO C 44 11.24 -11.04 17.25
C PRO C 44 12.66 -11.57 17.16
N ASP C 45 12.95 -12.77 17.67
CA ASP C 45 14.32 -13.31 17.62
C ASP C 45 14.60 -14.08 16.34
N GLY C 46 13.68 -14.10 15.38
CA GLY C 46 13.91 -14.76 14.12
C GLY C 46 13.44 -16.19 14.04
N THR C 47 12.99 -16.79 15.15
CA THR C 47 12.50 -18.16 15.06
C THR C 47 11.06 -18.13 14.56
N GLU C 48 10.65 -19.25 13.95
CA GLU C 48 9.30 -19.37 13.45
C GLU C 48 8.31 -19.66 14.57
N LYS C 49 7.22 -18.91 14.60
CA LYS C 49 6.15 -19.16 15.56
C LYS C 49 5.16 -20.16 14.99
N TRP C 50 4.75 -19.95 13.75
CA TRP C 50 3.88 -20.86 13.02
C TRP C 50 3.87 -20.44 11.55
N ARG C 51 3.33 -21.31 10.71
CA ARG C 51 3.04 -20.99 9.32
C ARG C 51 1.64 -21.50 8.98
N PHE C 52 0.97 -20.77 8.08
CA PHE C 52 -0.38 -21.11 7.65
C PHE C 52 -0.40 -21.23 6.14
N LYS C 53 -0.77 -22.40 5.64
CA LYS C 53 -0.75 -22.69 4.21
C LYS C 53 -2.04 -22.33 3.50
N THR C 54 -1.92 -21.59 2.40
CA THR C 54 -3.02 -21.30 1.50
C THR C 54 -2.70 -22.01 0.18
N GLY C 55 -3.65 -22.00 -0.75
CA GLY C 55 -3.40 -22.74 -1.97
C GLY C 55 -2.48 -22.06 -2.97
N LYS C 56 -2.38 -20.72 -2.93
CA LYS C 56 -1.62 -19.97 -3.93
C LYS C 56 -0.89 -18.81 -3.26
N ALA C 57 -0.10 -18.11 -4.06
CA ALA C 57 0.70 -16.97 -3.61
C ALA C 57 -0.14 -15.92 -2.90
N ILE C 58 0.44 -15.32 -1.87
CA ILE C 58 -0.16 -14.20 -1.15
C ILE C 58 0.53 -12.92 -1.63
N GLU C 59 -0.22 -12.04 -2.29
CA GLU C 59 0.33 -10.85 -2.92
C GLU C 59 0.13 -9.56 -2.13
N ALA C 60 -0.51 -9.61 -0.95
CA ALA C 60 -0.81 -8.38 -0.23
C ALA C 60 -0.64 -8.60 1.27
N SER C 61 -0.33 -7.51 1.96
CA SER C 61 -0.07 -7.56 3.38
C SER C 61 -1.28 -8.05 4.18
N PRO C 62 -1.05 -8.83 5.23
CA PRO C 62 -2.14 -9.21 6.13
C PRO C 62 -2.55 -8.02 6.98
N VAL C 63 -3.76 -8.10 7.55
CA VAL C 63 -4.19 -7.08 8.50
C VAL C 63 -4.64 -7.81 9.76
N ILE C 64 -4.56 -7.11 10.89
CA ILE C 64 -4.87 -7.67 12.19
C ILE C 64 -6.06 -6.95 12.81
N GLY C 65 -7.02 -7.73 13.31
CA GLY C 65 -8.17 -7.10 13.94
C GLY C 65 -7.84 -6.73 15.37
N GLU C 66 -8.78 -6.04 16.01
CA GLU C 66 -8.53 -5.58 17.38
C GLU C 66 -8.26 -6.74 18.33
N ASP C 67 -8.89 -7.90 18.12
CA ASP C 67 -8.69 -9.04 19.02
C ASP C 67 -7.49 -9.88 18.62
N GLY C 68 -6.69 -9.42 17.67
CA GLY C 68 -5.51 -10.13 17.23
C GLY C 68 -5.68 -11.05 16.05
N THR C 69 -6.92 -11.30 15.62
CA THR C 69 -7.14 -12.18 14.47
C THR C 69 -6.40 -11.62 13.27
N ILE C 70 -5.68 -12.48 12.55
CA ILE C 70 -4.91 -12.04 11.38
C ILE C 70 -5.69 -12.43 10.13
N TYR C 71 -5.95 -11.44 9.28
CA TYR C 71 -6.71 -11.68 8.06
C TYR C 71 -5.74 -11.56 6.89
N VAL C 72 -5.84 -12.49 5.94
CA VAL C 72 -4.98 -12.41 4.76
C VAL C 72 -5.72 -12.97 3.56
N GLY C 73 -5.56 -12.31 2.42
CA GLY C 73 -6.11 -12.80 1.18
C GLY C 73 -5.10 -13.65 0.44
N SER C 74 -5.60 -14.58 -0.37
CA SER C 74 -4.76 -15.44 -1.19
C SER C 74 -5.17 -15.38 -2.66
N ASN C 75 -4.22 -15.73 -3.52
CA ASN C 75 -4.57 -15.89 -4.93
C ASN C 75 -5.49 -17.08 -5.15
N ASP C 76 -5.66 -17.93 -4.14
CA ASP C 76 -6.57 -19.08 -4.27
C ASP C 76 -8.02 -18.64 -4.10
N GLY C 77 -8.25 -17.33 -3.97
CA GLY C 77 -9.56 -16.74 -3.91
C GLY C 77 -10.17 -16.64 -2.53
N HIS C 78 -9.52 -17.16 -1.51
CA HIS C 78 -10.06 -17.13 -0.15
C HIS C 78 -9.48 -15.99 0.68
N LEU C 79 -10.31 -15.52 1.60
CA LEU C 79 -9.90 -14.65 2.70
C LEU C 79 -9.80 -15.55 3.92
N TYR C 80 -8.65 -15.53 4.58
CA TYR C 80 -8.46 -16.36 5.76
C TYR C 80 -8.43 -15.52 7.02
N ALA C 81 -8.97 -16.10 8.09
CA ALA C 81 -8.92 -15.55 9.44
C ALA C 81 -8.12 -16.53 10.28
N ILE C 82 -7.01 -16.05 10.84
CA ILE C 82 -6.07 -16.91 11.55
C ILE C 82 -5.96 -16.46 13.00
N ASN C 83 -5.98 -17.43 13.91
CA ASN C 83 -5.85 -17.18 15.34
C ASN C 83 -4.39 -16.89 15.68
N PRO C 84 -4.11 -15.84 16.46
CA PRO C 84 -2.78 -15.42 16.92
C PRO C 84 -1.91 -16.55 17.47
N ASP D 5 -3.06 -19.25 18.09
CA ASP D 5 -2.06 -20.31 18.02
C ASP D 5 -1.78 -20.77 16.59
N GLY D 6 -2.06 -19.90 15.62
CA GLY D 6 -1.83 -20.23 14.24
C GLY D 6 -2.91 -21.05 13.59
N THR D 7 -4.02 -21.32 14.29
CA THR D 7 -5.07 -22.12 13.70
C THR D 7 -6.00 -21.28 12.84
N GLU D 8 -6.70 -21.97 11.95
CA GLU D 8 -7.69 -21.30 11.13
C GLU D 8 -8.92 -20.98 11.96
N LYS D 9 -9.41 -19.76 11.87
CA LYS D 9 -10.65 -19.42 12.56
C LYS D 9 -11.82 -19.71 11.62
N TRP D 10 -11.68 -19.26 10.37
CA TRP D 10 -12.64 -19.49 9.30
C TRP D 10 -11.97 -19.08 7.99
N ARG D 11 -12.60 -19.45 6.88
CA ARG D 11 -12.21 -18.99 5.55
C ARG D 11 -13.45 -18.56 4.79
N PHE D 12 -13.26 -17.64 3.86
CA PHE D 12 -14.33 -17.13 3.02
C PHE D 12 -13.89 -17.16 1.57
N LYS D 13 -14.60 -17.91 0.73
CA LYS D 13 -14.21 -18.10 -0.66
C LYS D 13 -14.84 -17.05 -1.56
N THR D 14 -14.03 -16.47 -2.44
CA THR D 14 -14.51 -15.60 -3.50
C THR D 14 -14.20 -16.28 -4.83
N GLY D 15 -14.70 -15.72 -5.92
CA GLY D 15 -14.54 -16.37 -7.21
C GLY D 15 -13.11 -16.42 -7.73
N LYS D 16 -12.33 -15.37 -7.47
CA LYS D 16 -11.00 -15.24 -8.04
C LYS D 16 -10.03 -14.68 -7.01
N ALA D 17 -8.78 -14.54 -7.44
CA ALA D 17 -7.70 -14.08 -6.58
C ALA D 17 -8.03 -12.76 -5.90
N ILE D 18 -7.54 -12.61 -4.67
CA ILE D 18 -7.64 -11.38 -3.91
C ILE D 18 -6.27 -10.72 -3.94
N GLU D 19 -6.16 -9.58 -4.63
CA GLU D 19 -4.87 -8.93 -4.85
C GLU D 19 -4.59 -7.77 -3.90
N ALA D 20 -5.48 -7.47 -2.97
CA ALA D 20 -5.29 -6.29 -2.13
C ALA D 20 -5.69 -6.59 -0.70
N SER D 21 -5.06 -5.89 0.23
CA SER D 21 -5.30 -6.12 1.64
C SER D 21 -6.76 -5.82 2.00
N PRO D 22 -7.35 -6.59 2.90
CA PRO D 22 -8.68 -6.25 3.42
C PRO D 22 -8.59 -5.09 4.39
N VAL D 23 -9.73 -4.45 4.63
CA VAL D 23 -9.79 -3.40 5.64
C VAL D 23 -10.91 -3.78 6.62
N ILE D 24 -10.79 -3.25 7.83
CA ILE D 24 -11.72 -3.54 8.92
C ILE D 24 -12.39 -2.25 9.38
N GLY D 25 -13.71 -2.28 9.51
CA GLY D 25 -14.44 -1.12 9.97
C GLY D 25 -14.47 -1.06 11.50
N GLU D 26 -15.00 0.04 12.04
CA GLU D 26 -15.05 0.19 13.50
C GLU D 26 -15.81 -0.94 14.17
N ASP D 27 -16.88 -1.38 13.54
CA ASP D 27 -17.73 -2.41 14.11
C ASP D 27 -17.22 -3.81 13.88
N GLY D 28 -16.02 -3.95 13.31
CA GLY D 28 -15.47 -5.25 13.05
C GLY D 28 -15.76 -5.82 11.68
N THR D 29 -16.62 -5.17 10.89
CA THR D 29 -16.91 -5.67 9.56
C THR D 29 -15.63 -5.70 8.73
N ILE D 30 -15.40 -6.81 8.05
CA ILE D 30 -14.21 -7.01 7.23
C ILE D 30 -14.59 -6.82 5.77
N TYR D 31 -13.93 -5.90 5.08
CA TYR D 31 -14.23 -5.63 3.69
C TYR D 31 -13.04 -6.09 2.87
N VAL D 32 -13.31 -6.77 1.75
CA VAL D 32 -12.21 -7.22 0.90
C VAL D 32 -12.66 -7.22 -0.55
N GLY D 33 -11.78 -6.77 -1.46
CA GLY D 33 -12.08 -6.80 -2.86
C GLY D 33 -11.69 -8.14 -3.45
N SER D 34 -12.11 -8.38 -4.70
CA SER D 34 -11.79 -9.64 -5.33
C SER D 34 -11.73 -9.46 -6.84
N ASN D 35 -10.91 -10.31 -7.49
CA ASN D 35 -10.85 -10.28 -8.94
C ASN D 35 -12.15 -10.76 -9.59
N ASP D 36 -13.07 -11.33 -8.81
CA ASP D 36 -14.35 -11.73 -9.35
C ASP D 36 -15.31 -10.55 -9.49
N GLY D 37 -14.82 -9.34 -9.19
CA GLY D 37 -15.56 -8.12 -9.37
C GLY D 37 -16.39 -7.67 -8.19
N HIS D 38 -16.49 -8.47 -7.13
CA HIS D 38 -17.31 -8.09 -5.98
C HIS D 38 -16.49 -7.52 -4.83
N LEU D 39 -17.13 -6.64 -4.09
CA LEU D 39 -16.68 -6.21 -2.78
C LEU D 39 -17.49 -7.01 -1.78
N TYR D 40 -16.81 -7.69 -0.87
CA TYR D 40 -17.52 -8.50 0.13
C TYR D 40 -17.44 -7.85 1.50
N ALA D 41 -18.52 -7.98 2.26
CA ALA D 41 -18.58 -7.58 3.66
C ALA D 41 -18.77 -8.84 4.50
N ILE D 42 -17.78 -9.15 5.32
CA ILE D 42 -17.75 -10.39 6.09
C ILE D 42 -17.78 -10.07 7.58
N ASN D 43 -18.61 -10.80 8.31
CA ASN D 43 -18.77 -10.63 9.73
C ASN D 43 -17.58 -11.26 10.45
N PRO D 44 -17.24 -10.78 11.65
CA PRO D 44 -16.18 -11.43 12.44
C PRO D 44 -16.27 -12.95 12.56
N ASP D 45 -17.45 -13.56 12.49
CA ASP D 45 -17.57 -15.01 12.60
C ASP D 45 -17.44 -15.73 11.27
N GLY D 46 -17.09 -15.02 10.21
CA GLY D 46 -16.87 -15.60 8.90
C GLY D 46 -18.06 -15.66 7.98
N THR D 47 -19.26 -15.34 8.45
CA THR D 47 -20.42 -15.38 7.58
C THR D 47 -20.49 -14.09 6.76
N GLU D 48 -21.11 -14.18 5.59
CA GLU D 48 -21.29 -13.04 4.72
C GLU D 48 -22.41 -12.11 5.20
N LYS D 49 -22.12 -10.80 5.18
CA LYS D 49 -23.11 -9.77 5.49
C LYS D 49 -23.79 -9.30 4.21
N TRP D 50 -22.99 -8.96 3.19
CA TRP D 50 -23.48 -8.55 1.89
C TRP D 50 -22.32 -8.56 0.90
N ARG D 51 -22.66 -8.47 -0.39
CA ARG D 51 -21.70 -8.32 -1.46
C ARG D 51 -22.20 -7.26 -2.44
N PHE D 52 -21.25 -6.60 -3.11
CA PHE D 52 -21.54 -5.57 -4.10
C PHE D 52 -20.75 -5.88 -5.36
N LYS D 53 -21.46 -6.04 -6.49
CA LYS D 53 -20.85 -6.43 -7.74
C LYS D 53 -20.44 -5.22 -8.58
N THR D 54 -19.20 -5.24 -9.07
CA THR D 54 -18.68 -4.26 -10.02
C THR D 54 -18.46 -4.95 -11.36
N GLY D 55 -18.13 -4.14 -12.38
CA GLY D 55 -17.93 -4.72 -13.71
C GLY D 55 -16.70 -5.60 -13.83
N LYS D 56 -15.59 -5.23 -13.19
CA LYS D 56 -14.31 -5.91 -13.38
C LYS D 56 -13.58 -6.08 -12.05
N ALA D 57 -12.40 -6.69 -12.13
CA ALA D 57 -11.56 -6.99 -10.98
C ALA D 57 -11.24 -5.74 -10.16
N ILE D 58 -11.14 -5.93 -8.84
CA ILE D 58 -10.75 -4.88 -7.90
C ILE D 58 -9.32 -5.13 -7.45
N GLU D 59 -8.41 -4.23 -7.80
CA GLU D 59 -6.98 -4.41 -7.54
C GLU D 59 -6.48 -3.66 -6.32
N ALA D 60 -7.29 -2.82 -5.68
CA ALA D 60 -6.84 -1.98 -4.57
C ALA D 60 -7.78 -2.13 -3.38
N SER D 61 -7.25 -1.88 -2.19
CA SER D 61 -8.03 -1.97 -0.98
C SER D 61 -9.15 -0.92 -0.96
N PRO D 62 -10.30 -1.24 -0.38
CA PRO D 62 -11.33 -0.23 -0.14
C PRO D 62 -10.89 0.72 0.96
N VAL D 63 -11.48 1.91 0.95
CA VAL D 63 -11.23 2.94 1.96
C VAL D 63 -12.56 3.32 2.60
N ILE D 64 -12.58 3.38 3.93
CA ILE D 64 -13.80 3.69 4.69
C ILE D 64 -13.76 5.13 5.16
N GLY D 65 -14.84 5.87 4.87
CA GLY D 65 -14.92 7.27 5.26
C GLY D 65 -15.39 7.44 6.70
N GLU D 66 -15.37 8.69 7.17
CA GLU D 66 -15.80 8.99 8.52
C GLU D 66 -17.26 8.63 8.76
N ASP D 67 -18.10 8.77 7.73
CA ASP D 67 -19.53 8.49 7.84
C ASP D 67 -19.86 7.02 7.59
N GLY D 68 -18.85 6.16 7.46
CA GLY D 68 -19.04 4.74 7.25
C GLY D 68 -19.12 4.30 5.80
N THR D 69 -19.18 5.25 4.86
CA THR D 69 -19.24 4.91 3.44
C THR D 69 -18.00 4.12 3.04
N ILE D 70 -18.19 3.07 2.27
CA ILE D 70 -17.06 2.27 1.79
C ILE D 70 -16.82 2.63 0.33
N TYR D 71 -15.59 3.06 0.03
CA TYR D 71 -15.22 3.48 -1.31
C TYR D 71 -14.31 2.40 -1.89
N VAL D 72 -14.54 2.03 -3.15
CA VAL D 72 -13.67 1.04 -3.78
C VAL D 72 -13.60 1.35 -5.27
N GLY D 73 -12.38 1.26 -5.83
CA GLY D 73 -12.19 1.42 -7.25
C GLY D 73 -12.27 0.08 -7.96
N SER D 74 -12.67 0.12 -9.23
CA SER D 74 -12.75 -1.08 -10.05
C SER D 74 -11.96 -0.91 -11.34
N ASN D 75 -11.58 -2.06 -11.93
CA ASN D 75 -10.99 -2.01 -13.26
C ASN D 75 -12.00 -1.59 -14.32
N ASP D 76 -13.29 -1.53 -13.97
CA ASP D 76 -14.31 -1.09 -14.91
C ASP D 76 -14.35 0.42 -15.03
N GLY D 77 -13.45 1.12 -14.34
CA GLY D 77 -13.33 2.55 -14.44
C GLY D 77 -14.13 3.37 -13.44
N HIS D 78 -15.00 2.75 -12.63
CA HIS D 78 -15.77 3.54 -11.68
C HIS D 78 -15.20 3.46 -10.28
N LEU D 79 -15.45 4.53 -9.52
CA LEU D 79 -15.25 4.57 -8.07
C LEU D 79 -16.62 4.38 -7.44
N TYR D 80 -16.78 3.35 -6.63
CA TYR D 80 -18.08 3.07 -6.02
C TYR D 80 -18.10 3.53 -4.57
N ALA D 81 -19.23 4.11 -4.17
CA ALA D 81 -19.50 4.48 -2.79
C ALA D 81 -20.64 3.60 -2.31
N ILE D 82 -20.38 2.79 -1.29
CA ILE D 82 -21.32 1.79 -0.82
C ILE D 82 -21.76 2.10 0.60
N ASN D 83 -23.06 2.02 0.84
CA ASN D 83 -23.61 2.26 2.16
C ASN D 83 -23.19 1.12 3.10
N PRO D 84 -22.86 1.44 4.37
CA PRO D 84 -22.37 0.55 5.43
C PRO D 84 -22.99 -0.85 5.56
N ASP E 5 -25.90 -0.69 4.49
CA ASP E 5 -26.80 -1.80 4.17
C ASP E 5 -26.42 -2.51 2.86
N GLY E 6 -25.24 -2.20 2.35
CA GLY E 6 -24.75 -2.80 1.12
C GLY E 6 -25.27 -2.18 -0.15
N THR E 7 -26.10 -1.15 -0.07
CA THR E 7 -26.62 -0.55 -1.29
C THR E 7 -25.62 0.46 -1.87
N GLU E 8 -25.83 0.78 -3.15
CA GLU E 8 -25.01 1.77 -3.82
C GLU E 8 -25.44 3.17 -3.40
N LYS E 9 -24.47 4.00 -3.05
CA LYS E 9 -24.76 5.40 -2.75
C LYS E 9 -24.66 6.23 -4.01
N TRP E 10 -23.57 6.03 -4.75
CA TRP E 10 -23.32 6.68 -6.03
C TRP E 10 -22.14 5.95 -6.68
N ARG E 11 -21.92 6.27 -7.95
CA ARG E 11 -20.76 5.80 -8.68
C ARG E 11 -20.21 6.96 -9.47
N PHE E 12 -18.89 6.98 -9.63
CA PHE E 12 -18.21 8.02 -10.39
C PHE E 12 -17.41 7.34 -11.48
N LYS E 13 -17.75 7.63 -12.73
CA LYS E 13 -17.13 7.00 -13.87
C LYS E 13 -15.88 7.74 -14.31
N THR E 14 -14.80 6.99 -14.52
CA THR E 14 -13.60 7.52 -15.11
C THR E 14 -13.41 6.81 -16.45
N GLY E 15 -12.43 7.27 -17.23
CA GLY E 15 -12.29 6.67 -18.54
C GLY E 15 -11.63 5.32 -18.57
N LYS E 16 -10.82 4.99 -17.56
CA LYS E 16 -10.06 3.74 -17.56
C LYS E 16 -9.99 3.19 -16.14
N ALA E 17 -9.38 2.00 -16.01
CA ALA E 17 -9.27 1.30 -14.74
C ALA E 17 -8.63 2.15 -13.64
N ILE E 18 -9.11 1.95 -12.42
CA ILE E 18 -8.55 2.57 -11.22
C ILE E 18 -7.76 1.51 -10.46
N GLU E 19 -6.43 1.66 -10.38
CA GLU E 19 -5.57 0.64 -9.82
C GLU E 19 -5.17 0.90 -8.36
N ALA E 20 -5.39 2.10 -7.84
CA ALA E 20 -4.93 2.47 -6.51
C ALA E 20 -6.11 2.94 -5.65
N SER E 21 -5.97 2.76 -4.34
CA SER E 21 -7.01 3.16 -3.42
C SER E 21 -7.20 4.67 -3.41
N PRO E 22 -8.44 5.13 -3.25
CA PRO E 22 -8.70 6.56 -3.08
C PRO E 22 -8.23 7.03 -1.72
N VAL E 23 -8.04 8.33 -1.58
CA VAL E 23 -7.72 8.91 -0.28
C VAL E 23 -8.77 9.98 -0.01
N ILE E 24 -9.05 10.21 1.26
CA ILE E 24 -10.08 11.15 1.69
C ILE E 24 -9.45 12.31 2.43
N GLY E 25 -9.78 13.53 2.02
CA GLY E 25 -9.23 14.70 2.67
C GLY E 25 -9.99 15.04 3.94
N GLU E 26 -9.48 16.08 4.63
CA GLU E 26 -10.08 16.49 5.90
C GLU E 26 -11.53 16.94 5.71
N ASP E 27 -11.85 17.60 4.60
CA ASP E 27 -13.19 18.11 4.38
C ASP E 27 -14.14 17.07 3.79
N GLY E 28 -13.70 15.83 3.65
CA GLY E 28 -14.52 14.78 3.08
C GLY E 28 -14.34 14.57 1.59
N THR E 29 -13.60 15.46 0.91
CA THR E 29 -13.37 15.30 -0.53
C THR E 29 -12.65 13.98 -0.78
N ILE E 30 -13.10 13.23 -1.78
CA ILE E 30 -12.49 11.95 -2.12
C ILE E 30 -11.63 12.13 -3.36
N TYR E 31 -10.37 11.74 -3.25
CA TYR E 31 -9.42 11.86 -4.36
C TYR E 31 -9.14 10.46 -4.88
N VAL E 32 -9.08 10.31 -6.20
CA VAL E 32 -8.74 9.02 -6.78
C VAL E 32 -8.01 9.22 -8.10
N GLY E 33 -6.97 8.42 -8.33
CA GLY E 33 -6.26 8.44 -9.59
C GLY E 33 -6.89 7.45 -10.56
N SER E 34 -6.68 7.66 -11.86
CA SER E 34 -7.20 6.74 -12.85
C SER E 34 -6.17 6.49 -13.95
N ASN E 35 -6.34 5.37 -14.64
CA ASN E 35 -5.48 5.08 -15.79
C ASN E 35 -5.76 6.02 -16.95
N ASP E 36 -6.83 6.81 -16.88
CA ASP E 36 -7.13 7.77 -17.92
C ASP E 36 -6.29 9.04 -17.78
N GLY E 37 -5.36 9.05 -16.83
CA GLY E 37 -4.44 10.14 -16.64
C GLY E 37 -4.91 11.27 -15.75
N HIS E 38 -6.11 11.20 -15.19
CA HIS E 38 -6.60 12.26 -14.33
C HIS E 38 -6.58 11.89 -12.86
N LEU E 39 -6.41 12.90 -12.02
CA LEU E 39 -6.66 12.83 -10.59
C LEU E 39 -8.01 13.49 -10.38
N TYR E 40 -8.96 12.77 -9.77
CA TYR E 40 -10.29 13.31 -9.57
C TYR E 40 -10.52 13.70 -8.12
N ALA E 41 -11.24 14.79 -7.94
CA ALA E 41 -11.73 15.24 -6.64
C ALA E 41 -13.25 15.11 -6.68
N ILE E 42 -13.80 14.25 -5.84
CA ILE E 42 -15.21 13.89 -5.86
C ILE E 42 -15.86 14.31 -4.56
N ASN E 43 -17.03 14.95 -4.68
CA ASN E 43 -17.75 15.39 -3.50
C ASN E 43 -18.40 14.19 -2.82
N PRO E 44 -18.61 14.26 -1.50
CA PRO E 44 -19.35 13.18 -0.82
C PRO E 44 -20.68 12.79 -1.45
N ASP E 45 -21.36 13.68 -2.19
CA ASP E 45 -22.62 13.34 -2.83
C ASP E 45 -22.45 12.73 -4.23
N GLY E 46 -21.22 12.47 -4.64
CA GLY E 46 -20.91 11.83 -5.91
C GLY E 46 -20.60 12.77 -7.07
N THR E 47 -20.83 14.08 -6.93
CA THR E 47 -20.52 14.96 -8.05
C THR E 47 -19.03 15.28 -8.10
N GLU E 48 -18.59 15.71 -9.28
CA GLU E 48 -17.19 16.08 -9.50
C GLU E 48 -16.91 17.50 -9.01
N LYS E 49 -15.87 17.64 -8.20
CA LYS E 49 -15.46 18.95 -7.72
C LYS E 49 -14.51 19.59 -8.73
N TRP E 50 -13.54 18.82 -9.20
CA TRP E 50 -12.58 19.22 -10.22
C TRP E 50 -11.84 17.97 -10.68
N ARG E 51 -11.08 18.13 -11.77
CA ARG E 51 -10.17 17.10 -12.25
C ARG E 51 -8.87 17.75 -12.67
N PHE E 52 -7.78 17.01 -12.54
CA PHE E 52 -6.46 17.46 -12.95
C PHE E 52 -5.88 16.41 -13.89
N LYS E 53 -5.60 16.82 -15.12
CA LYS E 53 -5.08 15.89 -16.11
C LYS E 53 -3.56 15.82 -16.04
N THR E 54 -3.02 14.61 -16.02
CA THR E 54 -1.58 14.38 -15.98
C THR E 54 -1.11 13.95 -17.36
N GLY E 55 -0.11 13.09 -17.45
CA GLY E 55 0.32 12.73 -18.78
C GLY E 55 -0.14 11.33 -19.14
N LYS E 56 0.14 10.40 -18.24
CA LYS E 56 -0.21 8.98 -18.32
C LYS E 56 -0.89 8.54 -17.01
N ALA E 57 -1.27 7.26 -17.00
CA ALA E 57 -1.98 6.62 -15.90
C ALA E 57 -1.27 6.82 -14.56
N ILE E 58 -2.10 6.91 -13.52
CA ILE E 58 -1.68 7.03 -12.12
C ILE E 58 -1.86 5.69 -11.40
N GLU E 59 -0.74 5.06 -11.01
CA GLU E 59 -0.76 3.73 -10.43
C GLU E 59 -0.71 3.71 -8.91
N ALA E 60 -0.55 4.86 -8.26
CA ALA E 60 -0.37 4.90 -6.81
C ALA E 60 -1.28 5.94 -6.18
N SER E 61 -1.67 5.68 -4.93
CA SER E 61 -2.58 6.57 -4.23
C SER E 61 -2.01 7.98 -4.07
N PRO E 62 -2.86 9.01 -4.17
CA PRO E 62 -2.44 10.37 -3.80
C PRO E 62 -2.07 10.46 -2.33
N VAL E 63 -1.21 11.43 -2.01
CA VAL E 63 -0.81 11.72 -0.63
C VAL E 63 -1.11 13.20 -0.38
N ILE E 64 -1.75 13.49 0.75
CA ILE E 64 -2.17 14.84 1.12
C ILE E 64 -1.27 15.38 2.22
N GLY E 65 -0.76 16.60 2.04
CA GLY E 65 0.08 17.20 3.05
C GLY E 65 -0.74 17.91 4.11
N GLU E 66 -0.04 18.43 5.12
CA GLU E 66 -0.70 19.10 6.24
C GLU E 66 -1.50 20.32 5.78
N ASP E 67 -1.00 21.06 4.78
CA ASP E 67 -1.67 22.28 4.33
C ASP E 67 -2.75 22.02 3.27
N GLY E 68 -3.08 20.75 3.04
CA GLY E 68 -4.10 20.37 2.08
C GLY E 68 -3.61 20.09 0.67
N THR E 69 -2.33 20.36 0.38
CA THR E 69 -1.79 20.07 -0.94
C THR E 69 -1.89 18.58 -1.24
N ILE E 70 -2.35 18.23 -2.44
CA ILE E 70 -2.46 16.84 -2.85
C ILE E 70 -1.30 16.52 -3.77
N TYR E 71 -0.53 15.49 -3.42
CA TYR E 71 0.62 15.08 -4.19
C TYR E 71 0.28 13.78 -4.89
N VAL E 72 0.59 13.67 -6.18
CA VAL E 72 0.30 12.44 -6.90
C VAL E 72 1.38 12.17 -7.92
N GLY E 73 1.74 10.89 -8.07
CA GLY E 73 2.71 10.49 -9.07
C GLY E 73 2.02 10.13 -10.36
N SER E 74 2.81 9.89 -11.40
CA SER E 74 2.23 9.56 -12.69
C SER E 74 3.21 8.73 -13.51
N ASN E 75 2.66 7.93 -14.43
CA ASN E 75 3.54 7.22 -15.35
C ASN E 75 4.23 8.16 -16.32
N ASP E 76 3.83 9.43 -16.36
CA ASP E 76 4.51 10.40 -17.22
C ASP E 76 5.80 10.90 -16.59
N GLY E 77 6.16 10.38 -15.42
CA GLY E 77 7.40 10.71 -14.77
C GLY E 77 7.37 11.89 -13.83
N HIS E 78 6.25 12.60 -13.72
CA HIS E 78 6.18 13.76 -12.84
C HIS E 78 5.49 13.45 -11.52
N LEU E 79 5.89 14.19 -10.50
CA LEU E 79 5.17 14.29 -9.23
C LEU E 79 4.42 15.62 -9.27
N TYR E 80 3.12 15.59 -9.04
CA TYR E 80 2.31 16.79 -9.07
C TYR E 80 1.92 17.20 -7.65
N ALA E 81 1.93 18.50 -7.41
CA ALA E 81 1.45 19.12 -6.17
C ALA E 81 0.20 19.91 -6.55
N ILE E 82 -0.94 19.50 -6.03
CA ILE E 82 -2.23 20.05 -6.46
C ILE E 82 -2.89 20.76 -5.30
N ASN E 83 -3.41 21.96 -5.56
CA ASN E 83 -4.10 22.74 -4.55
C ASN E 83 -5.46 22.11 -4.24
N PRO E 84 -5.95 22.24 -2.98
CA PRO E 84 -7.17 21.62 -2.42
C PRO E 84 -8.40 21.55 -3.32
C1 GOL F . 25.56 10.52 -2.07
O1 GOL F . 26.62 11.03 -1.30
C2 GOL F . 25.43 11.42 -3.33
O2 GOL F . 25.39 12.78 -3.00
C3 GOL F . 24.15 10.93 -4.03
O3 GOL F . 24.52 9.90 -4.89
#